data_7A9Z
#
_entry.id   7A9Z
#
_cell.length_a   127.545
_cell.length_b   127.545
_cell.length_c   52.161
_cell.angle_alpha   90.000
_cell.angle_beta   90.000
_cell.angle_gamma   120.000
#
_symmetry.space_group_name_H-M   'P 31 2 1'
#
loop_
_entity.id
_entity.type
_entity.pdbx_description
1 polymer 'Cellular retinoic acid-binding protein 1'
2 non-polymer '4-[2-(5,5,8,8-tetramethyl-6,7-dihydroquinoxalin-2-yl)ethynyl]benzoic acid'
3 water water
#
_entity_poly.entity_id   1
_entity_poly.type   'polypeptide(L)'
_entity_poly.pdbx_seq_one_letter_code
;MPNFAGTWKMRSSENFDELLKALGVNAMCRKVAVAAASKPHVEIRQDGDQFYIKTSTTVRTTEINFKVGEGFEEETVDGR
KCRSLATWENENKIHCTQTLLEGDGPKTYWTRELANDELILTFGADDVVCTRIYVRE
;
_entity_poly.pdbx_strand_id   AAA,BBB
#
loop_
_chem_comp.id
_chem_comp.type
_chem_comp.name
_chem_comp.formula
R62 non-polymer '4-[2-(5,5,8,8-tetramethyl-6,7-dihydroquinoxalin-2-yl)ethynyl]benzoic acid' 'C21 H22 N2 O2'
#
# COMPACT_ATOMS: atom_id res chain seq x y z
N ASN A 3 -15.22 11.73 -12.29
CA ASN A 3 -14.92 10.47 -11.56
C ASN A 3 -13.51 9.97 -11.94
N PHE A 4 -12.66 9.73 -10.94
CA PHE A 4 -11.25 9.32 -11.07
C PHE A 4 -11.15 7.82 -11.27
N ALA A 5 -12.23 7.09 -11.05
CA ALA A 5 -12.21 5.61 -11.00
C ALA A 5 -11.85 5.06 -12.38
N GLY A 6 -11.08 3.98 -12.43
CA GLY A 6 -10.74 3.23 -13.67
C GLY A 6 -9.30 2.76 -13.65
N THR A 7 -8.83 2.30 -14.79
CA THR A 7 -7.43 1.84 -15.00
C THR A 7 -6.70 2.90 -15.82
N TRP A 8 -5.49 3.26 -15.42
CA TRP A 8 -4.73 4.36 -16.04
C TRP A 8 -3.33 3.86 -16.40
N LYS A 9 -2.77 4.36 -17.50
CA LYS A 9 -1.36 4.12 -17.90
C LYS A 9 -0.73 5.51 -18.09
N MET A 10 0.55 5.67 -17.81
CA MET A 10 1.22 6.98 -17.97
C MET A 10 1.42 7.25 -19.46
N ARG A 11 0.95 8.41 -19.94
CA ARG A 11 1.23 8.92 -21.31
C ARG A 11 2.55 9.71 -21.29
N SER A 12 2.83 10.51 -20.26
CA SER A 12 4.05 11.35 -20.22
C SER A 12 4.42 11.70 -18.78
N SER A 13 5.69 12.03 -18.56
CA SER A 13 6.29 12.41 -17.26
C SER A 13 7.29 13.54 -17.51
N GLU A 14 7.28 14.57 -16.66
CA GLU A 14 8.16 15.74 -16.78
C GLU A 14 8.72 16.07 -15.41
N ASN A 15 10.03 16.25 -15.32
CA ASN A 15 10.76 16.79 -14.16
C ASN A 15 10.83 15.80 -13.00
N PHE A 16 10.75 14.50 -13.27
CA PHE A 16 10.82 13.51 -12.17
C PHE A 16 12.23 13.56 -11.61
N ASP A 17 13.27 13.48 -12.46
CA ASP A 17 14.69 13.51 -12.01
C ASP A 17 14.92 14.79 -11.19
N GLU A 18 14.44 15.93 -11.67
CA GLU A 18 14.65 17.26 -11.01
C GLU A 18 13.98 17.26 -9.63
N LEU A 19 12.76 16.69 -9.52
CA LEU A 19 12.02 16.57 -8.25
C LEU A 19 12.84 15.75 -7.25
N LEU A 20 13.31 14.57 -7.66
CA LEU A 20 14.14 13.68 -6.78
C LEU A 20 15.40 14.44 -6.34
N LYS A 21 16.02 15.23 -7.23
CA LYS A 21 17.24 15.99 -6.88
C LYS A 21 16.86 16.99 -5.78
N ALA A 22 15.71 17.67 -5.92
CA ALA A 22 15.18 18.62 -4.92
C ALA A 22 14.96 17.91 -3.58
N LEU A 23 14.62 16.61 -3.63
CA LEU A 23 14.36 15.80 -2.41
C LEU A 23 15.67 15.20 -1.86
N GLY A 24 16.84 15.60 -2.36
CA GLY A 24 18.15 15.16 -1.85
C GLY A 24 18.50 13.71 -2.21
N VAL A 25 17.83 13.13 -3.21
CA VAL A 25 18.13 11.74 -3.68
C VAL A 25 19.44 11.79 -4.49
N ASN A 26 20.41 10.91 -4.21
CA ASN A 26 21.72 10.90 -4.91
C ASN A 26 21.54 10.27 -6.29
N ALA A 27 22.54 10.43 -7.16
CA ALA A 27 22.43 10.24 -8.62
C ALA A 27 22.07 8.80 -8.97
N MET A 28 22.71 7.82 -8.34
CA MET A 28 22.51 6.39 -8.68
C MET A 28 21.06 6.00 -8.39
N CYS A 29 20.54 6.40 -7.22
CA CYS A 29 19.17 6.06 -6.79
C CYS A 29 18.17 6.81 -7.67
N ARG A 30 18.47 8.06 -8.05
CA ARG A 30 17.66 8.85 -9.00
C ARG A 30 17.53 8.06 -10.31
N LYS A 31 18.65 7.66 -10.91
CA LYS A 31 18.64 6.96 -12.23
C LYS A 31 17.68 5.76 -12.13
N VAL A 32 17.82 4.98 -11.05
CA VAL A 32 17.05 3.75 -10.70
C VAL A 32 15.56 4.08 -10.57
N ALA A 33 15.23 5.06 -9.74
CA ALA A 33 13.86 5.50 -9.37
C ALA A 33 13.07 5.91 -10.63
N VAL A 34 13.68 6.74 -11.49
CA VAL A 34 13.08 7.23 -12.76
C VAL A 34 12.71 6.04 -13.64
N ALA A 35 13.68 5.15 -13.93
CA ALA A 35 13.51 3.94 -14.77
C ALA A 35 12.39 3.06 -14.21
N ALA A 36 12.45 2.71 -12.93
CA ALA A 36 11.44 1.89 -12.22
C ALA A 36 10.05 2.52 -12.32
N ALA A 37 9.95 3.85 -12.30
CA ALA A 37 8.67 4.58 -12.35
C ALA A 37 8.27 4.85 -13.81
N SER A 38 9.02 4.36 -14.79
CA SER A 38 8.85 4.76 -16.22
C SER A 38 7.53 4.22 -16.80
N LYS A 39 6.92 3.20 -16.20
CA LYS A 39 5.80 2.46 -16.82
C LYS A 39 4.79 2.04 -15.76
N PRO A 40 4.22 2.95 -14.95
CA PRO A 40 3.29 2.58 -13.89
C PRO A 40 1.90 2.22 -14.42
N HIS A 41 1.25 1.29 -13.72
CA HIS A 41 -0.15 0.87 -13.95
C HIS A 41 -0.95 1.25 -12.70
N VAL A 42 -2.01 2.02 -12.86
CA VAL A 42 -2.73 2.69 -11.73
C VAL A 42 -4.18 2.24 -11.81
N GLU A 43 -4.72 1.77 -10.69
CA GLU A 43 -6.15 1.40 -10.56
C GLU A 43 -6.69 2.33 -9.47
N ILE A 44 -7.74 3.07 -9.79
CA ILE A 44 -8.44 3.91 -8.78
C ILE A 44 -9.87 3.38 -8.62
N ARG A 45 -10.30 3.26 -7.38
CA ARG A 45 -11.73 3.10 -7.03
C ARG A 45 -12.10 4.33 -6.20
N GLN A 46 -13.20 4.97 -6.58
CA GLN A 46 -13.72 6.21 -5.95
C GLN A 46 -15.20 6.01 -5.64
N ASP A 47 -15.56 6.28 -4.38
CA ASP A 47 -16.95 6.25 -3.86
C ASP A 47 -17.11 7.55 -3.06
N GLY A 48 -17.53 8.61 -3.74
CA GLY A 48 -17.65 9.96 -3.15
C GLY A 48 -16.29 10.48 -2.71
N ASP A 49 -16.09 10.60 -1.40
CA ASP A 49 -14.87 11.16 -0.77
C ASP A 49 -13.88 10.04 -0.49
N GLN A 50 -14.22 8.77 -0.77
CA GLN A 50 -13.39 7.60 -0.41
C GLN A 50 -12.61 7.15 -1.63
N PHE A 51 -11.30 6.97 -1.48
CA PHE A 51 -10.38 6.64 -2.59
C PHE A 51 -9.51 5.44 -2.25
N TYR A 52 -9.40 4.53 -3.21
CA TYR A 52 -8.33 3.53 -3.30
C TYR A 52 -7.51 3.85 -4.55
N ILE A 53 -6.21 3.98 -4.37
CA ILE A 53 -5.27 4.16 -5.51
C ILE A 53 -4.19 3.08 -5.44
N LYS A 54 -4.25 2.11 -6.34
CA LYS A 54 -3.21 1.06 -6.50
C LYS A 54 -2.26 1.48 -7.63
N THR A 55 -0.99 1.73 -7.31
CA THR A 55 0.07 2.13 -8.28
C THR A 55 1.11 1.02 -8.32
N SER A 56 1.22 0.34 -9.47
CA SER A 56 2.17 -0.78 -9.71
C SER A 56 3.35 -0.32 -10.56
N THR A 57 4.58 -0.45 -10.06
CA THR A 57 5.82 -0.22 -10.83
C THR A 57 6.56 -1.56 -10.93
N THR A 58 7.83 -1.56 -11.31
CA THR A 58 8.63 -2.78 -11.61
C THR A 58 8.60 -3.71 -10.38
N VAL A 59 8.97 -3.19 -9.21
CA VAL A 59 9.20 -3.97 -7.95
C VAL A 59 8.60 -3.24 -6.76
N ARG A 60 7.56 -2.43 -6.97
CA ARG A 60 6.79 -1.78 -5.89
C ARG A 60 5.31 -1.72 -6.27
N THR A 61 4.42 -2.15 -5.37
CA THR A 61 3.00 -1.73 -5.38
C THR A 61 2.69 -0.94 -4.11
N THR A 62 2.12 0.26 -4.26
CA THR A 62 1.45 0.99 -3.16
C THR A 62 -0.07 0.87 -3.34
N GLU A 63 -0.75 0.51 -2.25
CA GLU A 63 -2.23 0.59 -2.15
C GLU A 63 -2.57 1.70 -1.16
N ILE A 64 -3.10 2.81 -1.62
CA ILE A 64 -3.33 4.01 -0.76
C ILE A 64 -4.84 4.14 -0.57
N ASN A 65 -5.28 4.14 0.69
CA ASN A 65 -6.69 4.39 1.09
C ASN A 65 -6.78 5.73 1.82
N PHE A 66 -7.71 6.58 1.43
CA PHE A 66 -7.98 7.86 2.15
C PHE A 66 -9.41 8.29 1.87
N LYS A 67 -9.94 9.05 2.81
CA LYS A 67 -11.20 9.80 2.67
C LYS A 67 -10.80 11.27 2.66
N VAL A 68 -11.33 12.03 1.70
CA VAL A 68 -11.16 13.51 1.64
C VAL A 68 -11.63 14.08 2.98
N GLY A 69 -10.73 14.78 3.68
CA GLY A 69 -11.03 15.47 4.95
C GLY A 69 -10.41 14.78 6.15
N GLU A 70 -9.90 13.56 6.00
CA GLU A 70 -9.26 12.81 7.12
C GLU A 70 -7.80 12.51 6.80
N GLY A 71 -6.94 12.72 7.79
CA GLY A 71 -5.53 12.32 7.74
C GLY A 71 -5.37 10.86 7.40
N PHE A 72 -4.21 10.50 6.84
CA PHE A 72 -3.81 9.09 6.54
C PHE A 72 -2.28 9.03 6.51
N GLU A 73 -1.72 7.82 6.56
CA GLU A 73 -0.24 7.63 6.54
C GLU A 73 0.15 7.35 5.09
N GLU A 74 1.23 7.95 4.62
CA GLU A 74 1.87 7.48 3.38
C GLU A 74 3.35 7.83 3.43
N GLU A 75 4.02 7.61 2.31
CA GLU A 75 5.42 8.03 2.12
C GLU A 75 5.41 9.17 1.14
N THR A 76 6.40 10.04 1.26
CA THR A 76 6.80 11.00 0.19
C THR A 76 7.23 10.19 -1.03
N VAL A 77 7.35 10.84 -2.17
CA VAL A 77 7.78 10.18 -3.43
C VAL A 77 9.12 9.47 -3.19
N ASP A 78 10.00 10.04 -2.35
CA ASP A 78 11.33 9.45 -2.04
C ASP A 78 11.29 8.54 -0.78
N GLY A 79 10.09 8.22 -0.26
CA GLY A 79 9.92 7.10 0.70
C GLY A 79 10.14 7.50 2.16
N ARG A 80 10.02 8.79 2.50
CA ARG A 80 10.09 9.31 3.90
C ARG A 80 8.68 9.33 4.51
N LYS A 81 8.59 9.06 5.81
CA LYS A 81 7.31 8.87 6.53
C LYS A 81 6.59 10.21 6.60
N CYS A 82 5.31 10.26 6.19
CA CYS A 82 4.51 11.51 6.29
C CYS A 82 3.07 11.22 6.70
N ARG A 83 2.44 12.20 7.36
CA ARG A 83 0.97 12.25 7.51
C ARG A 83 0.49 13.03 6.30
N SER A 84 -0.59 12.59 5.68
CA SER A 84 -1.17 13.23 4.48
C SER A 84 -2.61 13.67 4.77
N LEU A 85 -3.10 14.66 4.02
CA LEU A 85 -4.50 15.10 4.07
C LEU A 85 -4.91 15.50 2.66
N ALA A 86 -5.91 14.82 2.11
CA ALA A 86 -6.51 15.17 0.80
C ALA A 86 -7.71 16.09 1.06
N THR A 87 -7.84 17.15 0.25
CA THR A 87 -9.00 18.08 0.21
C THR A 87 -9.34 18.31 -1.27
N TRP A 88 -10.57 18.69 -1.57
CA TRP A 88 -10.93 19.14 -2.92
C TRP A 88 -10.47 20.59 -3.10
N GLU A 89 -9.51 20.86 -3.98
CA GLU A 89 -9.17 22.23 -4.47
C GLU A 89 -10.35 22.71 -5.34
N ASN A 90 -11.01 21.80 -6.05
CA ASN A 90 -12.27 22.06 -6.78
C ASN A 90 -12.88 20.71 -7.17
N GLU A 91 -13.98 20.69 -7.92
CA GLU A 91 -14.76 19.43 -8.13
C GLU A 91 -13.93 18.39 -8.92
N ASN A 92 -12.84 18.78 -9.57
CA ASN A 92 -12.01 17.86 -10.42
C ASN A 92 -10.56 17.80 -9.93
N LYS A 93 -10.27 18.25 -8.72
CA LYS A 93 -8.87 18.29 -8.23
C LYS A 93 -8.80 17.99 -6.73
N ILE A 94 -7.98 16.99 -6.40
CA ILE A 94 -7.55 16.63 -5.02
C ILE A 94 -6.17 17.23 -4.79
N HIS A 95 -6.06 18.01 -3.74
CA HIS A 95 -4.78 18.48 -3.20
C HIS A 95 -4.50 17.68 -1.93
N CYS A 96 -3.27 17.18 -1.82
CA CYS A 96 -2.82 16.37 -0.69
C CYS A 96 -1.58 17.02 -0.09
N THR A 97 -1.78 17.63 1.06
CA THR A 97 -0.71 18.19 1.93
C THR A 97 0.00 17.04 2.63
N GLN A 98 1.32 17.11 2.78
CA GLN A 98 2.15 16.07 3.46
C GLN A 98 2.97 16.76 4.54
N THR A 99 3.11 16.14 5.70
CA THR A 99 3.81 16.66 6.91
C THR A 99 4.81 15.59 7.34
N LEU A 100 6.11 15.88 7.31
CA LEU A 100 7.14 14.84 7.58
C LEU A 100 7.02 14.46 9.05
N LEU A 101 7.12 13.17 9.38
CA LEU A 101 6.99 12.71 10.79
C LEU A 101 8.39 12.78 11.41
N GLU A 102 9.37 12.11 10.79
CA GLU A 102 10.74 11.91 11.30
C GLU A 102 11.69 12.78 10.47
N GLY A 103 12.32 13.78 11.12
CA GLY A 103 13.35 14.64 10.51
C GLY A 103 12.78 15.91 9.89
N ASP A 104 13.69 16.66 9.25
CA ASP A 104 13.45 17.96 8.58
C ASP A 104 13.77 17.77 7.10
N GLY A 105 13.06 18.46 6.21
CA GLY A 105 13.22 18.29 4.75
C GLY A 105 12.26 19.18 3.95
N PRO A 106 12.35 19.16 2.60
CA PRO A 106 11.50 20.00 1.75
C PRO A 106 10.00 19.78 1.99
N LYS A 107 9.21 20.83 1.76
CA LYS A 107 7.73 20.77 1.81
C LYS A 107 7.29 19.94 0.59
N THR A 108 6.49 18.90 0.82
CA THR A 108 6.01 18.02 -0.29
C THR A 108 4.49 18.02 -0.34
N TYR A 109 3.97 17.82 -1.55
CA TYR A 109 2.53 17.70 -1.80
C TYR A 109 2.36 16.94 -3.10
N TRP A 110 1.14 16.48 -3.34
CA TRP A 110 0.73 15.98 -4.68
C TRP A 110 -0.68 16.49 -4.94
N THR A 111 -1.06 16.49 -6.20
CA THR A 111 -2.44 16.79 -6.63
C THR A 111 -2.83 15.79 -7.71
N ARG A 112 -4.11 15.48 -7.80
CA ARG A 112 -4.64 14.69 -8.92
C ARG A 112 -5.87 15.43 -9.44
N GLU A 113 -6.04 15.44 -10.76
CA GLU A 113 -6.88 16.41 -11.49
C GLU A 113 -7.43 15.66 -12.71
N LEU A 114 -8.71 15.75 -12.96
CA LEU A 114 -9.28 15.34 -14.27
C LEU A 114 -9.37 16.57 -15.17
N ALA A 115 -8.89 16.44 -16.39
CA ALA A 115 -8.85 17.49 -17.43
C ALA A 115 -8.91 16.81 -18.80
N ASN A 116 -10.03 16.91 -19.52
CA ASN A 116 -10.23 16.29 -20.86
C ASN A 116 -10.12 14.76 -20.70
N ASP A 117 -10.70 14.23 -19.63
CA ASP A 117 -10.64 12.78 -19.27
C ASP A 117 -9.20 12.23 -19.36
N GLU A 118 -8.23 13.05 -18.93
CA GLU A 118 -6.86 12.62 -18.57
C GLU A 118 -6.69 12.81 -17.05
N LEU A 119 -5.90 11.94 -16.42
CA LEU A 119 -5.55 12.08 -14.98
C LEU A 119 -4.16 12.70 -14.90
N ILE A 120 -4.08 13.86 -14.27
CA ILE A 120 -2.82 14.63 -14.15
C ILE A 120 -2.36 14.56 -12.70
N LEU A 121 -1.25 13.89 -12.49
CA LEU A 121 -0.61 13.76 -11.17
C LEU A 121 0.53 14.76 -11.12
N THR A 122 0.55 15.56 -10.08
CA THR A 122 1.57 16.60 -9.83
C THR A 122 2.21 16.33 -8.48
N PHE A 123 3.53 16.39 -8.40
CA PHE A 123 4.30 16.32 -7.15
C PHE A 123 5.04 17.63 -6.97
N GLY A 124 5.08 18.16 -5.76
CA GLY A 124 5.93 19.31 -5.43
C GLY A 124 6.96 18.96 -4.40
N ALA A 125 8.15 19.52 -4.52
CA ALA A 125 9.23 19.45 -3.53
C ALA A 125 9.86 20.84 -3.44
N ASP A 126 9.44 21.64 -2.46
CA ASP A 126 9.75 23.09 -2.41
C ASP A 126 9.28 23.73 -3.73
N ASP A 127 10.20 24.19 -4.59
CA ASP A 127 9.87 25.05 -5.75
C ASP A 127 9.73 24.18 -7.02
N VAL A 128 10.17 22.92 -6.97
CA VAL A 128 10.20 22.02 -8.15
C VAL A 128 8.83 21.36 -8.31
N VAL A 129 8.43 21.09 -9.54
CA VAL A 129 7.11 20.48 -9.85
C VAL A 129 7.31 19.39 -10.91
N CYS A 130 6.92 18.16 -10.57
CA CYS A 130 6.92 17.01 -11.49
C CYS A 130 5.48 16.78 -11.95
N THR A 131 5.25 16.55 -13.24
CA THR A 131 3.90 16.36 -13.81
C THR A 131 3.85 15.03 -14.57
N ARG A 132 2.90 14.16 -14.23
CA ARG A 132 2.70 12.84 -14.87
C ARG A 132 1.27 12.80 -15.38
N ILE A 133 1.11 12.42 -16.64
CA ILE A 133 -0.22 12.48 -17.30
C ILE A 133 -0.63 11.06 -17.62
N TYR A 134 -1.82 10.69 -17.16
CA TYR A 134 -2.39 9.33 -17.32
C TYR A 134 -3.59 9.39 -18.26
N VAL A 135 -3.78 8.35 -19.06
CA VAL A 135 -4.98 8.14 -19.91
C VAL A 135 -5.60 6.81 -19.52
N ARG A 136 -6.89 6.65 -19.73
CA ARG A 136 -7.59 5.35 -19.51
C ARG A 136 -6.95 4.29 -20.42
N GLU A 137 -6.59 3.13 -19.86
CA GLU A 137 -6.03 2.00 -20.66
C GLU A 137 -7.19 1.04 -20.84
N PRO B 2 7.02 -0.87 23.53
CA PRO B 2 5.63 -1.17 23.12
C PRO B 2 5.47 -1.03 21.60
N ASN B 3 4.26 -1.28 21.06
CA ASN B 3 3.73 -0.84 19.73
C ASN B 3 4.09 -1.83 18.62
N PHE B 4 3.33 -1.84 17.52
CA PHE B 4 3.51 -2.73 16.34
C PHE B 4 4.63 -2.24 15.42
N ALA B 5 5.10 -1.03 15.64
CA ALA B 5 5.99 -0.30 14.72
C ALA B 5 7.40 -0.87 14.83
N GLY B 6 8.11 -0.91 13.70
CA GLY B 6 9.51 -1.34 13.62
C GLY B 6 9.74 -2.17 12.38
N THR B 7 10.90 -2.81 12.33
CA THR B 7 11.30 -3.71 11.23
C THR B 7 11.23 -5.13 11.75
N TRP B 8 10.69 -6.04 10.96
CA TRP B 8 10.44 -7.43 11.39
C TRP B 8 11.02 -8.38 10.35
N LYS B 9 11.53 -9.53 10.78
CA LYS B 9 11.96 -10.62 9.88
C LYS B 9 11.17 -11.85 10.29
N MET B 10 10.71 -12.62 9.32
CA MET B 10 9.87 -13.82 9.60
C MET B 10 10.77 -14.90 10.19
N ARG B 11 10.43 -15.41 11.37
CA ARG B 11 11.16 -16.52 12.02
C ARG B 11 10.56 -17.85 11.57
N SER B 12 9.23 -17.96 11.46
CA SER B 12 8.53 -19.20 11.07
C SER B 12 7.29 -18.88 10.22
N SER B 13 6.91 -19.84 9.37
CA SER B 13 5.61 -19.90 8.67
C SER B 13 5.03 -21.32 8.79
N GLU B 14 3.71 -21.41 8.95
CA GLU B 14 2.95 -22.67 9.07
C GLU B 14 1.76 -22.57 8.15
N ASN B 15 1.57 -23.55 7.28
CA ASN B 15 0.30 -23.84 6.55
C ASN B 15 0.10 -22.86 5.39
N PHE B 16 1.18 -22.30 4.84
CA PHE B 16 1.09 -21.40 3.67
C PHE B 16 0.45 -22.19 2.52
N ASP B 17 1.00 -23.36 2.17
CA ASP B 17 0.55 -24.14 0.99
C ASP B 17 -0.93 -24.47 1.19
N GLU B 18 -1.30 -24.90 2.40
N GLU B 18 -1.29 -24.90 2.40
CA GLU B 18 -2.69 -25.32 2.73
CA GLU B 18 -2.67 -25.30 2.77
C GLU B 18 -3.64 -24.12 2.57
C GLU B 18 -3.62 -24.12 2.57
N LEU B 19 -3.22 -22.94 3.02
CA LEU B 19 -4.03 -21.70 2.90
C LEU B 19 -4.29 -21.43 1.40
N LEU B 20 -3.23 -21.43 0.57
CA LEU B 20 -3.36 -21.14 -0.87
C LEU B 20 -4.31 -22.15 -1.50
N LYS B 21 -4.25 -23.42 -1.09
CA LYS B 21 -5.12 -24.46 -1.69
C LYS B 21 -6.57 -24.11 -1.32
N ALA B 22 -6.81 -23.68 -0.07
CA ALA B 22 -8.14 -23.25 0.44
C ALA B 22 -8.63 -22.05 -0.38
N LEU B 23 -7.72 -21.20 -0.86
CA LEU B 23 -8.06 -20.02 -1.70
C LEU B 23 -8.29 -20.39 -3.17
N GLY B 24 -8.17 -21.67 -3.57
CA GLY B 24 -8.29 -22.11 -4.97
C GLY B 24 -7.13 -21.68 -5.86
N VAL B 25 -5.95 -21.40 -5.29
CA VAL B 25 -4.70 -21.20 -6.07
C VAL B 25 -4.27 -22.55 -6.66
N ASN B 26 -3.90 -22.58 -7.96
CA ASN B 26 -3.51 -23.82 -8.70
C ASN B 26 -2.15 -24.32 -8.17
N ALA B 27 -1.87 -25.60 -8.44
CA ALA B 27 -0.73 -26.35 -7.87
C ALA B 27 0.59 -25.73 -8.29
N MET B 28 0.70 -25.36 -9.57
CA MET B 28 1.96 -24.84 -10.16
C MET B 28 2.35 -23.55 -9.44
N CYS B 29 1.39 -22.63 -9.29
CA CYS B 29 1.61 -21.31 -8.64
C CYS B 29 1.96 -21.55 -7.17
N ARG B 30 1.19 -22.43 -6.52
CA ARG B 30 1.43 -22.80 -5.09
C ARG B 30 2.86 -23.29 -4.92
N LYS B 31 3.25 -24.29 -5.71
CA LYS B 31 4.56 -24.97 -5.60
C LYS B 31 5.66 -23.90 -5.63
N VAL B 32 5.57 -23.00 -6.62
CA VAL B 32 6.60 -21.96 -6.88
C VAL B 32 6.57 -20.91 -5.75
N ALA B 33 5.36 -20.41 -5.44
CA ALA B 33 5.07 -19.31 -4.48
C ALA B 33 5.62 -19.60 -3.09
N VAL B 34 5.68 -20.88 -2.71
CA VAL B 34 6.24 -21.38 -1.42
C VAL B 34 7.66 -20.79 -1.24
N ALA B 35 8.57 -21.10 -2.18
CA ALA B 35 10.00 -20.69 -2.15
C ALA B 35 10.10 -19.17 -1.98
N ALA B 36 9.45 -18.41 -2.88
CA ALA B 36 9.57 -16.94 -2.97
C ALA B 36 9.15 -16.25 -1.67
N ALA B 37 8.19 -16.79 -0.91
CA ALA B 37 7.60 -16.13 0.28
C ALA B 37 8.41 -16.47 1.55
N SER B 38 9.57 -17.11 1.41
CA SER B 38 10.24 -17.83 2.51
C SER B 38 10.77 -16.88 3.58
N LYS B 39 11.09 -15.62 3.23
CA LYS B 39 11.90 -14.77 4.13
C LYS B 39 11.48 -13.31 3.99
N PRO B 40 10.19 -12.95 4.19
CA PRO B 40 9.74 -11.56 4.04
C PRO B 40 10.16 -10.66 5.21
N HIS B 41 10.41 -9.39 4.88
CA HIS B 41 10.77 -8.31 5.81
C HIS B 41 9.60 -7.33 5.82
N VAL B 42 9.13 -7.00 7.01
CA VAL B 42 7.96 -6.11 7.19
C VAL B 42 8.47 -4.85 7.90
N GLU B 43 8.14 -3.69 7.37
CA GLU B 43 8.31 -2.39 8.07
C GLU B 43 6.90 -1.90 8.38
N ILE B 44 6.63 -1.67 9.66
CA ILE B 44 5.31 -1.17 10.11
C ILE B 44 5.54 0.19 10.73
N ARG B 45 4.63 1.08 10.39
CA ARG B 45 4.50 2.43 10.95
C ARG B 45 3.12 2.42 11.61
N GLN B 46 3.07 2.81 12.89
CA GLN B 46 1.82 2.91 13.68
C GLN B 46 1.78 4.27 14.38
N ASP B 47 0.68 4.99 14.17
CA ASP B 47 0.35 6.27 14.86
C ASP B 47 -1.09 6.13 15.30
N GLY B 48 -1.28 5.59 16.51
CA GLY B 48 -2.59 5.22 17.05
C GLY B 48 -3.26 4.14 16.21
N ASP B 49 -4.35 4.48 15.54
CA ASP B 49 -5.15 3.52 14.74
C ASP B 49 -4.69 3.54 13.28
N GLN B 50 -3.68 4.35 12.95
CA GLN B 50 -3.24 4.52 11.55
C GLN B 50 -1.99 3.68 11.31
N PHE B 51 -1.99 2.96 10.18
CA PHE B 51 -0.93 2.00 9.82
C PHE B 51 -0.40 2.27 8.40
N TYR B 52 0.91 2.18 8.25
CA TYR B 52 1.59 1.96 6.95
C TYR B 52 2.39 0.67 7.08
N ILE B 53 2.16 -0.30 6.20
CA ILE B 53 2.84 -1.63 6.28
C ILE B 53 3.55 -1.94 4.96
N LYS B 54 4.88 -1.99 4.97
CA LYS B 54 5.70 -2.41 3.82
C LYS B 54 6.12 -3.86 4.01
N THR B 55 5.75 -4.73 3.07
CA THR B 55 6.12 -6.16 3.04
C THR B 55 7.05 -6.39 1.85
N SER B 56 8.31 -6.72 2.10
CA SER B 56 9.39 -6.93 1.10
C SER B 56 9.70 -8.41 0.97
N THR B 57 9.66 -8.96 -0.24
CA THR B 57 10.23 -10.29 -0.54
C THR B 57 11.50 -10.06 -1.37
N THR B 58 12.08 -11.14 -1.89
CA THR B 58 13.21 -11.08 -2.85
C THR B 58 12.71 -10.40 -4.12
N VAL B 59 11.47 -10.73 -4.49
CA VAL B 59 10.78 -10.48 -5.80
C VAL B 59 10.01 -9.15 -5.80
N ARG B 60 9.43 -8.68 -4.69
CA ARG B 60 8.41 -7.60 -4.72
C ARG B 60 8.26 -6.93 -3.35
N THR B 61 7.95 -5.63 -3.33
CA THR B 61 7.47 -4.88 -2.15
C THR B 61 6.04 -4.40 -2.34
N THR B 62 5.14 -4.71 -1.40
CA THR B 62 3.78 -4.13 -1.33
C THR B 62 3.72 -3.21 -0.11
N GLU B 63 3.11 -2.05 -0.29
CA GLU B 63 2.90 -1.00 0.74
C GLU B 63 1.41 -0.74 0.82
N ILE B 64 0.83 -0.82 2.01
CA ILE B 64 -0.60 -0.43 2.22
C ILE B 64 -0.71 0.46 3.46
N ASN B 65 -1.68 1.37 3.42
CA ASN B 65 -2.07 2.21 4.56
C ASN B 65 -3.54 1.89 4.85
N PHE B 66 -3.91 1.96 6.13
CA PHE B 66 -5.32 1.84 6.58
C PHE B 66 -5.41 2.44 7.98
N LYS B 67 -6.65 2.59 8.43
CA LYS B 67 -7.02 3.06 9.78
C LYS B 67 -7.90 1.97 10.37
N VAL B 68 -7.57 1.49 11.57
CA VAL B 68 -8.49 0.66 12.39
C VAL B 68 -9.77 1.46 12.60
N GLY B 69 -10.91 0.87 12.25
CA GLY B 69 -12.25 1.44 12.46
C GLY B 69 -12.86 1.90 11.16
N GLU B 70 -12.07 2.06 10.10
CA GLU B 70 -12.55 2.67 8.83
C GLU B 70 -12.41 1.67 7.70
N GLY B 71 -13.50 1.39 7.00
CA GLY B 71 -13.47 0.53 5.80
C GLY B 71 -12.35 0.97 4.87
N PHE B 72 -11.66 0.04 4.21
CA PHE B 72 -10.59 0.37 3.24
C PHE B 72 -10.57 -0.72 2.17
N GLU B 73 -9.67 -0.66 1.22
CA GLU B 73 -9.62 -1.65 0.13
C GLU B 73 -8.22 -2.20 0.11
N GLU B 74 -8.10 -3.50 -0.19
CA GLU B 74 -6.82 -4.22 -0.38
C GLU B 74 -7.07 -5.43 -1.26
N GLU B 75 -6.09 -6.32 -1.33
CA GLU B 75 -6.22 -7.62 -2.02
C GLU B 75 -6.15 -8.73 -0.98
N THR B 76 -6.77 -9.86 -1.30
CA THR B 76 -6.54 -11.16 -0.62
C THR B 76 -5.10 -11.59 -0.89
N VAL B 77 -4.62 -12.59 -0.16
CA VAL B 77 -3.25 -13.14 -0.32
C VAL B 77 -3.07 -13.56 -1.77
N ASP B 78 -4.12 -14.06 -2.43
CA ASP B 78 -4.04 -14.47 -3.87
C ASP B 78 -4.40 -13.32 -4.83
N GLY B 79 -4.57 -12.09 -4.36
CA GLY B 79 -4.61 -10.88 -5.21
C GLY B 79 -5.99 -10.56 -5.76
N ARG B 80 -7.07 -11.02 -5.11
CA ARG B 80 -8.46 -10.68 -5.48
C ARG B 80 -8.92 -9.47 -4.66
N LYS B 81 -9.69 -8.58 -5.28
CA LYS B 81 -10.05 -7.27 -4.69
C LYS B 81 -11.03 -7.51 -3.55
N CYS B 82 -10.78 -6.90 -2.40
CA CYS B 82 -11.73 -6.95 -1.26
C CYS B 82 -11.84 -5.61 -0.55
N ARG B 83 -12.99 -5.39 0.08
CA ARG B 83 -13.22 -4.35 1.10
C ARG B 83 -12.81 -4.97 2.44
N SER B 84 -12.11 -4.22 3.28
CA SER B 84 -11.54 -4.70 4.56
C SER B 84 -12.02 -3.81 5.72
N LEU B 85 -12.16 -4.37 6.92
CA LEU B 85 -12.42 -3.58 8.15
C LEU B 85 -11.69 -4.21 9.34
N ALA B 86 -10.71 -3.50 9.87
CA ALA B 86 -9.88 -3.90 11.02
C ALA B 86 -10.53 -3.31 12.27
N THR B 87 -10.60 -4.08 13.37
CA THR B 87 -10.90 -3.57 14.73
C THR B 87 -9.88 -4.18 15.68
N TRP B 88 -9.63 -3.53 16.81
CA TRP B 88 -8.85 -4.12 17.92
C TRP B 88 -9.76 -5.13 18.65
N GLU B 89 -9.40 -6.43 18.60
CA GLU B 89 -9.95 -7.53 19.44
C GLU B 89 -9.54 -7.23 20.89
N ASN B 90 -8.33 -6.71 21.07
CA ASN B 90 -7.80 -6.26 22.39
C ASN B 90 -6.58 -5.38 22.13
N GLU B 91 -5.93 -4.93 23.21
CA GLU B 91 -4.86 -3.92 23.19
C GLU B 91 -3.73 -4.35 22.25
N ASN B 92 -3.51 -5.66 22.04
CA ASN B 92 -2.34 -6.20 21.30
C ASN B 92 -2.76 -7.01 20.08
N LYS B 93 -4.01 -6.92 19.62
CA LYS B 93 -4.48 -7.78 18.52
C LYS B 93 -5.50 -7.05 17.64
N ILE B 94 -5.21 -6.97 16.34
CA ILE B 94 -6.11 -6.45 15.28
C ILE B 94 -6.70 -7.63 14.54
N HIS B 95 -8.02 -7.68 14.47
CA HIS B 95 -8.74 -8.59 13.55
C HIS B 95 -9.28 -7.77 12.38
N CYS B 96 -9.14 -8.27 11.16
CA CYS B 96 -9.51 -7.57 9.92
C CYS B 96 -10.34 -8.51 9.04
N THR B 97 -11.63 -8.25 8.92
CA THR B 97 -12.54 -9.02 8.05
C THR B 97 -12.34 -8.52 6.61
N GLN B 98 -12.52 -9.40 5.63
CA GLN B 98 -12.43 -9.10 4.18
C GLN B 98 -13.70 -9.59 3.51
N THR B 99 -14.22 -8.83 2.56
CA THR B 99 -15.41 -9.17 1.75
C THR B 99 -15.05 -8.94 0.29
N LEU B 100 -15.11 -9.95 -0.57
CA LEU B 100 -14.78 -9.81 -2.02
C LEU B 100 -15.64 -8.70 -2.62
N LEU B 101 -15.09 -7.95 -3.58
CA LEU B 101 -15.85 -6.94 -4.34
C LEU B 101 -16.65 -7.63 -5.44
N GLU B 102 -15.99 -8.46 -6.25
CA GLU B 102 -16.61 -9.20 -7.38
C GLU B 102 -16.73 -10.68 -7.00
N GLY B 103 -17.98 -11.18 -6.91
CA GLY B 103 -18.30 -12.62 -7.01
C GLY B 103 -18.27 -13.32 -5.66
N ASP B 104 -18.04 -14.64 -5.69
N ASP B 104 -18.10 -14.65 -5.63
CA ASP B 104 -18.02 -15.58 -4.53
CA ASP B 104 -17.93 -15.36 -4.35
C ASP B 104 -16.61 -16.19 -4.41
C ASP B 104 -16.60 -16.13 -4.38
N GLY B 105 -16.22 -16.61 -3.19
CA GLY B 105 -14.92 -17.24 -2.89
C GLY B 105 -14.86 -17.58 -1.40
N PRO B 106 -13.76 -18.17 -0.91
CA PRO B 106 -13.66 -18.48 0.51
C PRO B 106 -13.78 -17.24 1.42
N LYS B 107 -14.24 -17.41 2.65
CA LYS B 107 -14.26 -16.32 3.67
C LYS B 107 -12.80 -16.06 4.08
N THR B 108 -12.29 -14.85 3.94
CA THR B 108 -10.88 -14.53 4.27
C THR B 108 -10.82 -13.46 5.36
N TYR B 109 -9.75 -13.51 6.14
CA TYR B 109 -9.44 -12.51 7.19
C TYR B 109 -7.96 -12.57 7.46
N TRP B 110 -7.45 -11.59 8.18
CA TRP B 110 -6.09 -11.63 8.74
C TRP B 110 -6.16 -11.07 10.16
N THR B 111 -5.15 -11.36 10.97
CA THR B 111 -5.02 -10.77 12.32
C THR B 111 -3.55 -10.49 12.56
N ARG B 112 -3.26 -9.51 13.39
CA ARG B 112 -1.88 -9.23 13.83
C ARG B 112 -1.93 -9.07 15.34
N GLU B 113 -0.92 -9.58 16.03
CA GLU B 113 -0.89 -9.73 17.49
C GLU B 113 0.55 -9.51 17.95
N LEU B 114 0.76 -8.71 18.98
CA LEU B 114 2.02 -8.71 19.74
C LEU B 114 1.89 -9.67 20.93
N ALA B 115 2.87 -10.55 21.08
CA ALA B 115 2.99 -11.50 22.20
C ALA B 115 4.48 -11.78 22.37
N ASN B 116 5.06 -11.41 23.51
CA ASN B 116 6.49 -11.67 23.85
C ASN B 116 7.35 -10.86 22.87
N ASP B 117 6.93 -9.65 22.52
CA ASP B 117 7.61 -8.77 21.52
C ASP B 117 7.88 -9.56 20.21
N GLU B 118 6.98 -10.46 19.83
CA GLU B 118 6.92 -11.08 18.49
C GLU B 118 5.64 -10.61 17.80
N LEU B 119 5.67 -10.51 16.48
CA LEU B 119 4.49 -10.20 15.65
C LEU B 119 3.99 -11.53 15.08
N ILE B 120 2.75 -11.86 15.40
CA ILE B 120 2.07 -13.08 14.91
C ILE B 120 1.04 -12.63 13.89
N LEU B 121 1.31 -12.92 12.62
CA LEU B 121 0.39 -12.64 11.51
C LEU B 121 -0.35 -13.94 11.22
N THR B 122 -1.67 -13.90 11.15
CA THR B 122 -2.45 -15.08 10.69
C THR B 122 -3.36 -14.69 9.53
N PHE B 123 -3.49 -15.58 8.55
CA PHE B 123 -4.43 -15.48 7.42
C PHE B 123 -5.43 -16.63 7.52
N GLY B 124 -6.72 -16.37 7.37
CA GLY B 124 -7.75 -17.42 7.27
C GLY B 124 -8.33 -17.51 5.87
N ALA B 125 -8.68 -18.73 5.45
CA ALA B 125 -9.43 -19.02 4.20
C ALA B 125 -10.41 -20.16 4.50
N ASP B 126 -11.69 -19.84 4.73
CA ASP B 126 -12.70 -20.79 5.27
C ASP B 126 -12.15 -21.30 6.61
N ASP B 127 -11.85 -22.60 6.74
CA ASP B 127 -11.50 -23.24 8.04
C ASP B 127 -9.98 -23.30 8.24
N VAL B 128 -9.19 -23.03 7.21
CA VAL B 128 -7.71 -23.14 7.23
C VAL B 128 -7.12 -21.87 7.82
N VAL B 129 -5.99 -21.99 8.47
CA VAL B 129 -5.27 -20.85 9.13
C VAL B 129 -3.79 -21.00 8.84
N CYS B 130 -3.19 -19.99 8.22
CA CYS B 130 -1.72 -19.88 8.03
C CYS B 130 -1.19 -18.92 9.10
N THR B 131 -0.09 -19.25 9.74
CA THR B 131 0.49 -18.47 10.84
C THR B 131 1.93 -18.11 10.49
N ARG B 132 2.26 -16.82 10.49
CA ARG B 132 3.63 -16.31 10.22
C ARG B 132 4.09 -15.55 11.46
N ILE B 133 5.25 -15.90 11.97
CA ILE B 133 5.75 -15.33 13.24
C ILE B 133 6.99 -14.51 12.94
N TYR B 134 6.95 -13.24 13.31
CA TYR B 134 8.01 -12.24 13.02
C TYR B 134 8.69 -11.85 14.33
N VAL B 135 9.99 -11.55 14.27
CA VAL B 135 10.79 -11.01 15.39
C VAL B 135 11.42 -9.70 14.91
N ARG B 136 11.73 -8.78 15.81
CA ARG B 136 12.41 -7.51 15.44
C ARG B 136 13.77 -7.83 14.84
N GLU B 137 14.25 -7.02 13.90
CA GLU B 137 15.61 -7.17 13.32
C GLU B 137 16.37 -5.86 13.51
C4 R62 C . 14.62 4.37 -4.07
C14 R62 C . 6.52 8.08 -8.40
C5 R62 C . 13.58 3.28 -4.15
C6 R62 C . 12.66 3.43 -5.35
C11 R62 C . 9.37 6.49 -7.05
C7 R62 C . 11.50 2.44 -5.18
C8 R62 C . 13.43 3.07 -6.62
C9 R62 C . 12.13 4.84 -5.46
C10 R62 C . 10.58 6.28 -6.31
C12 R62 C . 8.30 6.64 -7.54
C13 R62 C . 7.02 6.81 -8.16
N1 R62 C . 11.02 5.05 -6.21
N2 R62 C . 12.27 7.17 -4.92
C3 R62 C . 15.06 6.78 -4.42
C1 R62 C . 13.65 6.04 -2.49
C2 R62 C . 14.00 5.77 -3.97
C15 R62 C . 5.30 8.24 -9.03
C16 R62 C . 4.54 7.15 -9.41
C17 R62 C . 3.21 7.34 -10.07
O1 R62 C . 2.19 7.20 -9.39
O2 R62 C . 3.21 7.63 -11.26
C18 R62 C . 5.05 5.88 -9.18
C19 R62 C . 6.27 5.70 -8.57
C20 R62 C . 11.18 7.35 -5.66
C21 R62 C . 12.75 5.91 -4.81
H7 R62 C . 15.17 4.33 -4.87
H8 R62 C . 15.20 4.21 -3.31
H17 R62 C . 7.02 8.83 -8.15
H10 R62 C . 14.02 2.41 -4.19
H9 R62 C . 13.05 3.29 -3.33
H13 R62 C . 11.03 2.33 -6.02
H11 R62 C . 10.88 2.77 -4.50
H12 R62 C . 11.85 1.58 -4.89
H14 R62 C . 14.05 3.78 -6.83
H15 R62 C . 12.82 2.96 -7.36
H16 R62 C . 13.92 2.25 -6.49
H4 R62 C . 15.11 6.78 -5.39
H5 R62 C . 15.92 6.54 -4.05
H6 R62 C . 14.81 7.67 -4.11
H1 R62 C . 12.86 6.61 -2.44
H2 R62 C . 14.40 6.48 -2.05
H3 R62 C . 13.45 5.20 -2.04
H18 R62 C . 4.97 9.11 -9.18
H19 R62 C . 4.55 5.12 -9.43
H20 R62 C . 6.60 4.84 -8.40
H21 R62 C . 10.83 8.21 -5.74
#